data_9L1U
#
_entry.id   9L1U
#
_cell.length_a   1.00
_cell.length_b   1.00
_cell.length_c   1.00
_cell.angle_alpha   90.00
_cell.angle_beta   90.00
_cell.angle_gamma   90.00
#
_symmetry.space_group_name_H-M   'P 1'
#
_entity_poly.entity_id   1
_entity_poly.type   'polypeptide(L)'
_entity_poly.pdbx_seq_one_letter_code
;LPAGCETAILFPMRSKKIFGSVHPVRPMRLESFSACIWVKATDVLNKTILFSYGTKRNPYEIQLYLSYQSIVFVVGGEEN
KLVAEAMVSLGRWTHLCGTWNSEEGLTSLWVNGELAATTVEMATGHIVPEGGILQIGQEKNGCCVGGGFDETLAFSGRLT
GFNIWDSVLSNEEIRETGGAESCHIRGNIVGWGVTEIQPHGGAQYVS
;
_entity_poly.pdbx_strand_id   A,H
#
# COMPACT_ATOMS: atom_id res chain seq x y z
N LEU A 1 -30.75 -6.40 25.60
CA LEU A 1 -29.82 -6.26 24.49
C LEU A 1 -29.12 -7.59 24.22
N PRO A 2 -28.85 -7.89 22.95
CA PRO A 2 -28.23 -9.17 22.62
C PRO A 2 -26.84 -9.31 23.23
N ALA A 3 -26.55 -10.52 23.68
CA ALA A 3 -25.26 -10.82 24.31
C ALA A 3 -25.04 -9.99 25.57
N GLY A 4 -26.06 -9.24 25.99
CA GLY A 4 -25.91 -8.32 27.09
C GLY A 4 -25.12 -7.07 26.77
N CYS A 5 -24.79 -6.85 25.49
CA CYS A 5 -23.93 -5.75 25.12
C CYS A 5 -24.64 -4.41 25.37
N GLU A 6 -23.85 -3.33 25.30
CA GLU A 6 -24.36 -1.99 25.51
C GLU A 6 -24.00 -1.02 24.38
N THR A 7 -23.29 -1.48 23.35
CA THR A 7 -22.89 -0.60 22.26
C THR A 7 -22.74 -1.45 21.01
N ALA A 8 -22.79 -0.78 19.85
CA ALA A 8 -22.70 -1.46 18.56
C ALA A 8 -22.25 -0.45 17.52
N ILE A 9 -21.96 -0.96 16.33
CA ILE A 9 -21.56 -0.13 15.19
C ILE A 9 -22.43 -0.50 14.01
N LEU A 10 -23.10 0.50 13.44
CA LEU A 10 -23.97 0.30 12.29
C LEU A 10 -23.19 0.59 11.00
N PHE A 11 -23.35 -0.29 10.02
CA PHE A 11 -22.81 -0.08 8.69
C PHE A 11 -24.00 0.10 7.76
N PRO A 12 -24.63 1.27 7.75
CA PRO A 12 -25.96 1.40 7.12
C PRO A 12 -25.97 1.07 5.64
N MET A 13 -24.88 1.33 4.93
CA MET A 13 -24.88 1.08 3.49
C MET A 13 -23.51 0.55 3.09
N ARG A 14 -23.51 -0.50 2.26
CA ARG A 14 -22.26 -0.95 1.66
C ARG A 14 -21.76 0.11 0.70
N SER A 15 -20.56 0.62 0.97
CA SER A 15 -20.04 1.77 0.23
C SER A 15 -18.55 1.58 0.05
N LYS A 16 -17.95 2.43 -0.79
CA LYS A 16 -16.55 2.31 -1.13
C LYS A 16 -15.64 3.10 -0.18
N LYS A 17 -16.22 3.71 0.85
CA LYS A 17 -15.44 4.30 1.94
C LYS A 17 -15.81 3.75 3.30
N ILE A 18 -16.88 3.00 3.43
CA ILE A 18 -17.34 2.52 4.73
C ILE A 18 -16.34 1.51 5.27
N PHE A 19 -15.82 1.76 6.47
CA PHE A 19 -14.89 0.86 7.14
C PHE A 19 -14.67 1.39 8.54
N GLY A 20 -13.82 0.70 9.30
CA GLY A 20 -13.45 1.15 10.63
C GLY A 20 -11.97 0.99 10.85
N SER A 21 -11.40 1.89 11.66
CA SER A 21 -9.99 1.87 11.99
C SER A 21 -9.79 1.23 13.35
N VAL A 22 -9.04 0.14 13.37
CA VAL A 22 -8.79 -0.64 14.59
C VAL A 22 -7.29 -0.66 14.87
N HIS A 23 -6.93 -0.32 16.10
CA HIS A 23 -5.53 -0.28 16.55
C HIS A 23 -5.42 -1.04 17.85
N PRO A 24 -5.26 -2.36 17.79
CA PRO A 24 -5.18 -3.15 19.02
C PRO A 24 -3.98 -2.75 19.87
N VAL A 25 -4.12 -2.93 21.19
CA VAL A 25 -3.12 -2.44 22.12
C VAL A 25 -1.81 -3.21 21.99
N ARG A 26 -1.88 -4.53 21.94
CA ARG A 26 -0.69 -5.37 22.02
C ARG A 26 -0.37 -6.03 20.68
N PRO A 27 0.83 -6.60 20.54
CA PRO A 27 1.19 -7.23 19.27
C PRO A 27 0.31 -8.44 18.96
N MET A 28 0.18 -8.72 17.66
CA MET A 28 -0.68 -9.80 17.17
C MET A 28 0.06 -11.13 17.04
N ARG A 29 1.29 -11.22 17.52
CA ARG A 29 2.11 -12.41 17.33
C ARG A 29 1.55 -13.53 18.19
N LEU A 30 0.78 -14.43 17.58
CA LEU A 30 0.18 -15.54 18.31
C LEU A 30 0.25 -16.81 17.46
N GLU A 31 0.39 -17.94 18.14
CA GLU A 31 0.37 -19.25 17.51
C GLU A 31 -0.96 -19.96 17.67
N SER A 32 -1.46 -20.07 18.91
CA SER A 32 -2.80 -20.57 19.18
C SER A 32 -3.65 -19.39 19.66
N PHE A 33 -4.82 -19.24 19.07
CA PHE A 33 -5.62 -18.04 19.29
C PHE A 33 -7.09 -18.35 18.99
N SER A 34 -7.95 -17.40 19.34
CA SER A 34 -9.37 -17.51 19.09
C SER A 34 -10.00 -16.13 19.10
N ALA A 35 -11.16 -16.01 18.45
CA ALA A 35 -11.90 -14.76 18.43
C ALA A 35 -13.33 -15.06 18.01
N CYS A 36 -14.28 -14.54 18.80
CA CYS A 36 -15.69 -14.77 18.56
C CYS A 36 -16.38 -13.42 18.38
N ILE A 37 -17.54 -13.45 17.71
CA ILE A 37 -18.27 -12.23 17.40
C ILE A 37 -19.71 -12.57 17.05
N TRP A 38 -20.59 -11.58 17.22
CA TRP A 38 -21.97 -11.63 16.74
C TRP A 38 -22.12 -10.77 15.49
N VAL A 39 -22.67 -11.38 14.45
CA VAL A 39 -22.85 -10.72 13.16
C VAL A 39 -24.33 -10.74 12.80
N LYS A 40 -24.86 -9.57 12.44
CA LYS A 40 -26.20 -9.45 11.86
C LYS A 40 -25.99 -9.32 10.35
N ALA A 41 -26.14 -10.44 9.64
CA ALA A 41 -25.83 -10.49 8.22
C ALA A 41 -26.91 -9.73 7.45
N THR A 42 -26.68 -8.44 7.20
CA THR A 42 -27.64 -7.65 6.44
C THR A 42 -27.69 -8.13 4.99
N ASP A 43 -26.56 -8.07 4.29
CA ASP A 43 -26.46 -8.56 2.93
C ASP A 43 -25.48 -9.72 2.89
N VAL A 44 -25.90 -10.81 2.26
CA VAL A 44 -25.07 -11.99 2.08
C VAL A 44 -24.91 -12.20 0.58
N LEU A 45 -23.86 -11.63 0.00
CA LEU A 45 -23.58 -11.72 -1.41
C LEU A 45 -22.77 -12.99 -1.67
N ASN A 46 -22.49 -13.27 -2.95
CA ASN A 46 -21.61 -14.37 -3.28
C ASN A 46 -20.27 -14.22 -2.59
N LYS A 47 -19.79 -12.99 -2.44
CA LYS A 47 -18.63 -12.68 -1.61
C LYS A 47 -18.83 -11.32 -0.97
N THR A 48 -18.88 -11.30 0.36
CA THR A 48 -18.98 -10.07 1.14
C THR A 48 -17.88 -10.11 2.18
N ILE A 49 -16.73 -9.52 1.87
CA ILE A 49 -15.59 -9.60 2.78
C ILE A 49 -15.99 -9.01 4.11
N LEU A 50 -16.05 -9.84 5.15
CA LEU A 50 -16.37 -9.37 6.48
C LEU A 50 -15.24 -8.52 7.06
N PHE A 51 -14.00 -8.95 6.88
CA PHE A 51 -12.84 -8.18 7.28
C PHE A 51 -11.64 -8.67 6.49
N SER A 52 -10.50 -8.03 6.67
CA SER A 52 -9.27 -8.48 6.05
C SER A 52 -8.07 -7.93 6.82
N TYR A 53 -7.34 -8.81 7.48
CA TYR A 53 -6.04 -8.47 8.05
C TYR A 53 -4.96 -8.93 7.08
N GLY A 54 -4.17 -7.99 6.59
CA GLY A 54 -3.13 -8.30 5.63
C GLY A 54 -1.82 -7.59 5.91
N THR A 55 -0.72 -8.32 5.79
CA THR A 55 0.61 -7.73 5.84
C THR A 55 1.03 -7.29 4.45
N LYS A 56 2.08 -6.46 4.41
CA LYS A 56 2.52 -5.89 3.14
C LYS A 56 2.82 -7.00 2.13
N ARG A 57 3.58 -8.01 2.55
CA ARG A 57 3.98 -9.07 1.63
C ARG A 57 2.90 -10.13 1.44
N ASN A 58 1.86 -10.13 2.27
CA ASN A 58 0.77 -11.11 2.16
C ASN A 58 -0.55 -10.42 2.45
N PRO A 59 -1.31 -10.04 1.42
CA PRO A 59 -2.60 -9.39 1.66
C PRO A 59 -3.63 -10.29 2.32
N TYR A 60 -3.42 -11.60 2.35
CA TYR A 60 -4.39 -12.56 2.87
C TYR A 60 -3.84 -13.32 4.09
N GLU A 61 -3.15 -12.61 4.99
CA GLU A 61 -2.67 -13.25 6.20
C GLU A 61 -3.81 -13.88 6.98
N ILE A 62 -4.85 -13.09 7.26
CA ILE A 62 -6.07 -13.60 7.89
C ILE A 62 -7.25 -12.91 7.22
N GLN A 63 -8.27 -13.68 6.85
CA GLN A 63 -9.45 -13.12 6.23
C GLN A 63 -10.67 -14.04 6.37
N LEU A 64 -11.71 -13.54 7.03
CA LEU A 64 -13.01 -14.19 7.06
C LEU A 64 -13.94 -13.46 6.11
N TYR A 65 -14.48 -14.18 5.13
CA TYR A 65 -15.41 -13.60 4.18
C TYR A 65 -16.59 -14.53 4.01
N LEU A 66 -17.76 -13.94 3.78
CA LEU A 66 -19.03 -14.65 3.76
C LEU A 66 -19.53 -14.80 2.34
N SER A 67 -19.92 -16.01 1.97
CA SER A 67 -20.50 -16.32 0.68
C SER A 67 -22.02 -16.42 0.83
N TYR A 68 -22.69 -16.83 -0.25
CA TYR A 68 -24.15 -16.89 -0.24
C TYR A 68 -24.67 -17.68 0.94
N GLN A 69 -24.05 -18.84 1.22
CA GLN A 69 -24.52 -19.70 2.30
C GLN A 69 -23.37 -20.29 3.11
N SER A 70 -22.13 -19.90 2.87
CA SER A 70 -20.98 -20.48 3.54
C SER A 70 -20.12 -19.39 4.18
N ILE A 71 -19.62 -19.69 5.37
CA ILE A 71 -18.71 -18.80 6.10
C ILE A 71 -17.31 -19.30 5.81
N VAL A 72 -16.67 -18.73 4.78
CA VAL A 72 -15.34 -19.15 4.35
C VAL A 72 -14.32 -18.44 5.23
N PHE A 73 -13.55 -19.21 5.99
CA PHE A 73 -12.59 -18.69 6.95
C PHE A 73 -11.18 -19.06 6.49
N VAL A 74 -10.41 -18.06 6.09
CA VAL A 74 -9.09 -18.25 5.51
C VAL A 74 -8.04 -18.01 6.60
N VAL A 75 -7.07 -18.92 6.69
CA VAL A 75 -5.96 -18.81 7.63
C VAL A 75 -4.67 -18.75 6.83
N GLY A 76 -3.84 -17.76 7.12
CA GLY A 76 -2.55 -17.63 6.47
C GLY A 76 -2.63 -17.14 5.04
N GLY A 77 -3.37 -17.85 4.19
CA GLY A 77 -3.49 -17.47 2.80
C GLY A 77 -4.66 -18.18 2.16
N GLU A 78 -4.90 -17.83 0.90
CA GLU A 78 -6.03 -18.42 0.18
C GLU A 78 -5.91 -19.93 0.11
N GLU A 79 -4.70 -20.47 0.23
CA GLU A 79 -4.50 -21.91 0.13
C GLU A 79 -5.23 -22.66 1.24
N ASN A 80 -5.17 -22.15 2.47
CA ASN A 80 -5.77 -22.80 3.62
C ASN A 80 -7.01 -22.04 4.07
N LYS A 81 -8.11 -22.75 4.27
CA LYS A 81 -9.35 -22.11 4.69
C LYS A 81 -10.24 -23.13 5.40
N LEU A 82 -11.26 -22.60 6.09
CA LEU A 82 -12.29 -23.38 6.75
C LEU A 82 -13.64 -22.78 6.39
N VAL A 83 -14.60 -23.62 6.03
CA VAL A 83 -15.83 -23.18 5.38
C VAL A 83 -17.02 -23.92 5.96
N ALA A 84 -18.13 -23.18 6.16
CA ALA A 84 -19.43 -23.77 6.48
C ALA A 84 -20.20 -24.01 5.19
N GLU A 85 -21.42 -24.57 5.30
CA GLU A 85 -22.15 -24.99 4.12
C GLU A 85 -23.47 -24.24 3.92
N ALA A 86 -24.41 -24.31 4.87
CA ALA A 86 -25.75 -23.77 4.65
C ALA A 86 -26.32 -23.16 5.93
N MET A 87 -25.45 -22.65 6.80
CA MET A 87 -25.86 -22.19 8.12
C MET A 87 -25.35 -20.78 8.39
N VAL A 88 -25.58 -19.88 7.43
CA VAL A 88 -25.44 -18.44 7.63
C VAL A 88 -26.76 -17.79 7.27
N SER A 89 -27.19 -16.83 8.10
CA SER A 89 -28.52 -16.25 7.95
C SER A 89 -28.47 -14.86 7.34
N LEU A 90 -29.63 -14.23 7.20
CA LEU A 90 -29.75 -12.87 6.70
C LEU A 90 -30.59 -12.04 7.66
N GLY A 91 -30.08 -10.86 8.00
CA GLY A 91 -30.81 -9.95 8.87
C GLY A 91 -31.14 -10.54 10.21
N ARG A 92 -30.21 -11.29 10.81
CA ARG A 92 -30.42 -11.88 12.13
C ARG A 92 -29.12 -11.86 12.89
N TRP A 93 -29.16 -11.39 14.14
CA TRP A 93 -27.99 -11.43 15.00
C TRP A 93 -27.52 -12.87 15.14
N THR A 94 -26.34 -13.15 14.57
CA THR A 94 -25.81 -14.51 14.51
C THR A 94 -24.37 -14.53 15.00
N HIS A 95 -23.94 -15.68 15.47
CA HIS A 95 -22.63 -15.87 16.07
C HIS A 95 -21.77 -16.73 15.14
N LEU A 96 -20.58 -16.24 14.82
CA LEU A 96 -19.58 -17.02 14.09
C LEU A 96 -18.25 -16.84 14.81
N CYS A 97 -17.53 -17.94 15.02
CA CYS A 97 -16.28 -17.90 15.75
C CYS A 97 -15.41 -19.10 15.41
N GLY A 98 -14.09 -18.91 15.38
CA GLY A 98 -13.17 -19.97 15.03
C GLY A 98 -11.92 -19.91 15.86
N THR A 99 -11.20 -21.03 15.86
CA THR A 99 -9.93 -21.19 16.56
C THR A 99 -8.88 -21.73 15.61
N TRP A 100 -7.61 -21.68 16.04
CA TRP A 100 -6.53 -22.21 15.23
C TRP A 100 -5.31 -22.46 16.11
N ASN A 101 -4.45 -23.36 15.65
CA ASN A 101 -3.17 -23.61 16.29
C ASN A 101 -2.18 -24.11 15.26
N SER A 102 -0.89 -23.88 15.52
CA SER A 102 0.15 -24.33 14.60
C SER A 102 0.78 -25.65 15.05
N GLU A 103 0.62 -26.01 16.32
CA GLU A 103 1.25 -27.22 16.83
C GLU A 103 0.93 -28.41 15.94
N GLU A 104 -0.35 -28.60 15.60
CA GLU A 104 -0.75 -29.65 14.66
C GLU A 104 -1.70 -29.09 13.61
N GLY A 105 -1.64 -27.79 13.35
CA GLY A 105 -2.47 -27.17 12.34
C GLY A 105 -3.95 -27.29 12.61
N LEU A 106 -4.33 -27.26 13.89
CA LEU A 106 -5.74 -27.33 14.27
C LEU A 106 -6.47 -26.06 13.89
N THR A 107 -7.76 -26.19 13.65
CA THR A 107 -8.63 -25.05 13.41
C THR A 107 -10.08 -25.48 13.65
N SER A 108 -10.94 -24.49 13.87
CA SER A 108 -12.35 -24.77 14.10
C SER A 108 -13.17 -23.53 13.77
N LEU A 109 -14.47 -23.73 13.63
CA LEU A 109 -15.44 -22.66 13.48
C LEU A 109 -16.62 -22.95 14.39
N TRP A 110 -17.28 -21.89 14.87
CA TRP A 110 -18.33 -22.02 15.87
C TRP A 110 -19.49 -21.10 15.50
N VAL A 111 -20.63 -21.69 15.14
CA VAL A 111 -21.85 -20.95 14.84
C VAL A 111 -22.79 -21.11 16.03
N ASN A 112 -23.27 -19.99 16.56
CA ASN A 112 -24.20 -19.99 17.69
C ASN A 112 -23.59 -20.73 18.88
N GLY A 113 -22.27 -20.60 19.04
CA GLY A 113 -21.56 -21.33 20.07
C GLY A 113 -21.42 -22.81 19.81
N GLU A 114 -21.89 -23.30 18.66
CA GLU A 114 -21.83 -24.70 18.31
C GLU A 114 -20.80 -24.89 17.20
N LEU A 115 -19.99 -25.94 17.32
CA LEU A 115 -18.91 -26.16 16.36
C LEU A 115 -19.47 -26.26 14.95
N ALA A 116 -18.79 -25.60 14.01
CA ALA A 116 -19.22 -25.52 12.62
C ALA A 116 -18.39 -26.37 11.68
N ALA A 117 -17.06 -26.32 11.79
CA ALA A 117 -16.19 -27.10 10.94
C ALA A 117 -14.79 -27.06 11.54
N THR A 118 -13.93 -27.95 11.07
CA THR A 118 -12.57 -28.01 11.59
C THR A 118 -11.73 -28.87 10.66
N THR A 119 -10.42 -28.61 10.67
CA THR A 119 -9.47 -29.43 9.93
C THR A 119 -8.16 -29.46 10.70
N VAL A 120 -7.36 -30.48 10.42
CA VAL A 120 -6.13 -30.74 11.17
C VAL A 120 -4.93 -30.62 10.23
N GLU A 121 -3.77 -30.37 10.83
CA GLU A 121 -2.51 -30.22 10.10
C GLU A 121 -2.61 -29.13 9.03
N MET A 122 -3.51 -28.17 9.27
CA MET A 122 -3.69 -27.02 8.39
C MET A 122 -2.77 -25.89 8.87
N ALA A 123 -1.78 -25.55 8.05
CA ALA A 123 -0.80 -24.52 8.39
C ALA A 123 -0.04 -24.87 9.68
N THR A 124 0.33 -26.15 9.80
CA THR A 124 1.10 -26.59 10.94
C THR A 124 2.39 -25.79 11.05
N GLY A 125 2.70 -25.32 12.25
CA GLY A 125 3.89 -24.54 12.48
C GLY A 125 3.80 -23.09 12.05
N HIS A 126 2.71 -22.70 11.39
CA HIS A 126 2.56 -21.32 10.95
C HIS A 126 2.38 -20.39 12.14
N ILE A 127 3.04 -19.24 12.08
CA ILE A 127 2.90 -18.19 13.08
C ILE A 127 2.37 -16.95 12.36
N VAL A 128 1.25 -16.43 12.85
CA VAL A 128 0.63 -15.27 12.20
C VAL A 128 1.54 -14.06 12.39
N PRO A 129 1.91 -13.35 11.32
CA PRO A 129 2.74 -12.15 11.51
C PRO A 129 1.98 -11.06 12.25
N GLU A 130 2.75 -10.21 12.93
CA GLU A 130 2.21 -9.13 13.73
C GLU A 130 2.61 -7.79 13.13
N GLY A 131 2.03 -6.73 13.67
CA GLY A 131 2.29 -5.38 13.19
C GLY A 131 1.48 -4.97 11.99
N GLY A 132 0.63 -5.84 11.45
CA GLY A 132 -0.19 -5.51 10.31
C GLY A 132 -1.39 -4.67 10.70
N ILE A 133 -2.21 -4.36 9.70
CA ILE A 133 -3.40 -3.55 9.89
C ILE A 133 -4.60 -4.48 9.92
N LEU A 134 -5.40 -4.37 10.99
CA LEU A 134 -6.63 -5.15 11.13
C LEU A 134 -7.77 -4.33 10.56
N GLN A 135 -7.98 -4.42 9.25
CA GLN A 135 -9.07 -3.74 8.58
C GLN A 135 -10.37 -4.52 8.78
N ILE A 136 -11.46 -3.80 9.00
CA ILE A 136 -12.72 -4.39 9.45
C ILE A 136 -13.85 -3.90 8.55
N GLY A 137 -14.85 -4.76 8.38
CA GLY A 137 -16.05 -4.41 7.63
C GLY A 137 -15.80 -4.25 6.15
N GLN A 138 -14.58 -4.57 5.71
CA GLN A 138 -14.20 -4.34 4.32
C GLN A 138 -12.81 -4.91 4.12
N GLU A 139 -12.55 -5.45 2.93
CA GLU A 139 -11.20 -5.86 2.58
C GLU A 139 -10.31 -4.64 2.42
N LYS A 140 -9.07 -4.77 2.87
CA LYS A 140 -8.16 -3.63 2.90
C LYS A 140 -8.02 -3.01 1.52
N ASN A 141 -8.18 -1.69 1.44
CA ASN A 141 -8.06 -0.94 0.19
C ASN A 141 -8.05 0.54 0.56
N GLY A 142 -8.03 1.39 -0.46
CA GLY A 142 -7.99 2.82 -0.22
C GLY A 142 -9.32 3.38 0.21
N CYS A 143 -9.27 4.37 1.11
CA CYS A 143 -10.45 5.10 1.55
C CYS A 143 -10.38 6.59 1.25
N CYS A 144 -9.28 7.24 1.63
CA CYS A 144 -9.12 8.68 1.39
C CYS A 144 -8.97 9.01 -0.09
N VAL A 145 -8.62 8.03 -0.92
CA VAL A 145 -8.52 8.27 -2.36
C VAL A 145 -9.88 8.64 -2.94
N GLY A 146 -10.96 8.34 -2.22
CA GLY A 146 -12.29 8.49 -2.75
C GLY A 146 -12.83 7.15 -3.19
N GLY A 147 -13.71 6.57 -2.39
CA GLY A 147 -14.09 5.19 -2.63
C GLY A 147 -12.92 4.26 -2.40
N GLY A 148 -12.67 3.38 -3.37
CA GLY A 148 -11.56 2.46 -3.28
C GLY A 148 -11.95 1.11 -2.73
N PHE A 149 -12.85 1.09 -1.76
CA PHE A 149 -13.30 -0.15 -1.12
C PHE A 149 -14.35 -0.79 -2.01
N ASP A 150 -13.94 -1.78 -2.81
CA ASP A 150 -14.90 -2.49 -3.66
C ASP A 150 -16.14 -2.84 -2.85
N GLU A 151 -17.29 -2.35 -3.31
CA GLU A 151 -18.52 -2.53 -2.54
C GLU A 151 -18.87 -4.00 -2.38
N THR A 152 -18.47 -4.85 -3.34
CA THR A 152 -18.66 -6.28 -3.18
C THR A 152 -17.96 -6.78 -1.93
N LEU A 153 -16.73 -6.31 -1.69
CA LEU A 153 -16.01 -6.61 -0.47
C LEU A 153 -16.55 -5.87 0.74
N ALA A 154 -17.27 -4.76 0.52
CA ALA A 154 -17.84 -4.00 1.61
C ALA A 154 -19.03 -4.75 2.20
N PHE A 155 -19.34 -4.44 3.46
CA PHE A 155 -20.45 -5.05 4.18
C PHE A 155 -21.27 -3.99 4.89
N SER A 156 -22.56 -4.25 5.05
CA SER A 156 -23.48 -3.36 5.73
C SER A 156 -24.12 -4.11 6.90
N GLY A 157 -24.50 -3.36 7.93
CA GLY A 157 -25.24 -3.93 9.04
C GLY A 157 -24.73 -3.41 10.36
N ARG A 158 -25.37 -3.89 11.43
CA ARG A 158 -25.03 -3.52 12.80
C ARG A 158 -24.05 -4.54 13.35
N LEU A 159 -23.05 -4.06 14.10
CA LEU A 159 -22.01 -4.91 14.66
C LEU A 159 -21.79 -4.55 16.12
N THR A 160 -21.63 -5.57 16.96
CA THR A 160 -21.46 -5.36 18.39
C THR A 160 -20.60 -6.51 18.94
N GLY A 161 -19.83 -6.21 19.97
CA GLY A 161 -19.06 -7.22 20.67
C GLY A 161 -17.85 -7.72 19.91
N PHE A 162 -16.86 -6.85 19.69
CA PHE A 162 -15.62 -7.22 19.02
C PHE A 162 -14.62 -7.69 20.07
N ASN A 163 -14.08 -8.90 19.88
CA ASN A 163 -13.22 -9.52 20.88
C ASN A 163 -12.19 -10.38 20.18
N ILE A 164 -10.93 -10.25 20.62
CA ILE A 164 -9.84 -11.09 20.15
C ILE A 164 -9.06 -11.59 21.35
N TRP A 165 -8.77 -12.88 21.37
CA TRP A 165 -8.00 -13.51 22.45
C TRP A 165 -6.66 -14.00 21.95
N ASP A 166 -5.80 -14.35 22.91
CA ASP A 166 -4.46 -14.84 22.63
C ASP A 166 -4.34 -16.35 22.75
N SER A 167 -5.47 -17.06 22.85
CA SER A 167 -5.43 -18.51 22.99
C SER A 167 -6.69 -19.10 22.39
N VAL A 168 -6.66 -20.41 22.16
CA VAL A 168 -7.81 -21.14 21.66
C VAL A 168 -8.86 -21.21 22.77
N LEU A 169 -10.08 -20.78 22.46
CA LEU A 169 -11.15 -20.76 23.45
C LEU A 169 -11.72 -22.16 23.64
N SER A 170 -11.99 -22.48 24.90
CA SER A 170 -12.58 -23.77 25.24
C SER A 170 -14.04 -23.82 24.78
N ASN A 171 -14.58 -25.04 24.74
CA ASN A 171 -15.97 -25.21 24.34
C ASN A 171 -16.91 -24.51 25.31
N GLU A 172 -16.65 -24.64 26.61
CA GLU A 172 -17.50 -23.97 27.59
C GLU A 172 -17.45 -22.46 27.44
N GLU A 173 -16.26 -21.91 27.21
CA GLU A 173 -16.15 -20.48 26.99
C GLU A 173 -16.85 -20.05 25.70
N ILE A 174 -16.80 -20.89 24.67
CA ILE A 174 -17.49 -20.57 23.43
C ILE A 174 -18.99 -20.53 23.66
N ARG A 175 -19.51 -21.50 24.41
CA ARG A 175 -20.92 -21.46 24.77
C ARG A 175 -21.26 -20.20 25.57
N GLU A 176 -20.39 -19.84 26.52
CA GLU A 176 -20.63 -18.65 27.33
C GLU A 176 -20.67 -17.40 26.44
N THR A 177 -19.74 -17.31 25.48
CA THR A 177 -19.73 -16.17 24.58
C THR A 177 -20.90 -16.22 23.60
N GLY A 178 -21.50 -17.40 23.41
CA GLY A 178 -22.66 -17.56 22.56
C GLY A 178 -23.99 -17.36 23.24
N GLY A 179 -23.99 -16.97 24.52
CA GLY A 179 -25.20 -16.71 25.26
C GLY A 179 -25.47 -15.23 25.42
N ALA A 180 -26.59 -14.94 26.09
CA ALA A 180 -27.01 -13.57 26.35
C ALA A 180 -26.16 -12.88 27.41
N GLU A 181 -25.24 -13.61 28.05
CA GLU A 181 -24.39 -13.05 29.09
C GLU A 181 -22.94 -13.11 28.60
N SER A 182 -22.74 -12.69 27.35
CA SER A 182 -21.43 -12.80 26.69
C SER A 182 -20.73 -11.47 26.49
N CYS A 183 -21.41 -10.34 26.74
CA CYS A 183 -20.79 -9.04 26.50
C CYS A 183 -19.58 -8.81 27.40
N HIS A 184 -19.69 -9.18 28.68
CA HIS A 184 -18.63 -8.88 29.63
C HIS A 184 -17.29 -9.53 29.27
N ILE A 185 -17.31 -10.76 28.76
CA ILE A 185 -16.08 -11.45 28.36
C ILE A 185 -15.62 -10.80 27.06
N ARG A 186 -14.66 -9.90 27.16
CA ARG A 186 -14.10 -9.20 26.03
C ARG A 186 -12.63 -9.54 25.86
N GLY A 187 -12.20 -9.64 24.60
CA GLY A 187 -10.86 -10.11 24.31
C GLY A 187 -9.78 -9.20 24.87
N ASN A 188 -8.68 -9.82 25.30
CA ASN A 188 -7.54 -9.04 25.76
C ASN A 188 -6.79 -8.42 24.60
N ILE A 189 -6.62 -9.16 23.51
CA ILE A 189 -6.03 -8.59 22.30
C ILE A 189 -6.84 -7.37 21.87
N VAL A 190 -8.16 -7.52 21.80
CA VAL A 190 -9.07 -6.41 21.58
C VAL A 190 -10.33 -6.67 22.40
N GLY A 191 -10.78 -5.64 23.12
CA GLY A 191 -12.01 -5.74 23.88
C GLY A 191 -13.02 -4.71 23.45
N TRP A 192 -14.27 -5.12 23.29
CA TRP A 192 -15.31 -4.19 22.85
C TRP A 192 -15.36 -3.00 23.78
N GLY A 193 -15.03 -1.82 23.25
CA GLY A 193 -14.88 -0.62 24.04
C GLY A 193 -13.50 -0.42 24.63
N VAL A 194 -12.65 -1.44 24.62
CA VAL A 194 -11.27 -1.30 25.07
C VAL A 194 -10.39 -0.77 23.96
N THR A 195 -10.27 -1.52 22.87
CA THR A 195 -9.54 -1.04 21.71
C THR A 195 -10.34 0.05 21.01
N GLU A 196 -9.66 1.16 20.71
CA GLU A 196 -10.32 2.27 20.03
C GLU A 196 -10.88 1.80 18.69
N ILE A 197 -12.14 2.13 18.44
CA ILE A 197 -12.80 1.75 17.20
C ILE A 197 -13.53 2.96 16.64
N GLN A 198 -13.23 3.34 15.41
CA GLN A 198 -13.81 4.52 14.79
C GLN A 198 -14.58 4.12 13.53
N PRO A 199 -15.91 3.98 13.58
CA PRO A 199 -16.66 3.76 12.34
C PRO A 199 -16.49 4.93 11.38
N HIS A 200 -16.43 4.61 10.09
CA HIS A 200 -16.06 5.60 9.10
C HIS A 200 -16.73 5.27 7.77
N GLY A 201 -16.83 6.28 6.91
CA GLY A 201 -17.33 6.09 5.56
C GLY A 201 -18.77 5.65 5.48
N GLY A 202 -19.62 6.13 6.38
CA GLY A 202 -21.03 5.75 6.37
C GLY A 202 -21.41 4.99 7.61
N ALA A 203 -20.47 4.28 8.21
CA ALA A 203 -20.70 3.53 9.43
C ALA A 203 -20.73 4.47 10.63
N GLN A 204 -21.54 4.10 11.63
CA GLN A 204 -21.64 4.87 12.86
C GLN A 204 -21.85 3.92 14.03
N TYR A 205 -21.53 4.42 15.22
CA TYR A 205 -21.85 3.69 16.44
C TYR A 205 -23.35 3.64 16.65
N VAL A 206 -23.81 2.52 17.22
CA VAL A 206 -25.22 2.34 17.54
C VAL A 206 -25.30 1.46 18.78
N SER A 207 -26.46 1.45 19.43
CA SER A 207 -26.66 0.65 20.62
C SER A 207 -28.11 0.16 20.72
N LEU B 1 17.40 30.08 -14.57
CA LEU B 1 16.85 28.90 -15.24
C LEU B 1 17.95 28.18 -16.00
N PRO B 2 17.81 26.85 -16.16
CA PRO B 2 18.96 26.05 -16.62
C PRO B 2 19.52 26.46 -17.97
N ALA B 3 18.72 26.34 -19.04
CA ALA B 3 19.20 26.63 -20.38
C ALA B 3 18.43 27.76 -21.05
N GLY B 4 17.13 27.60 -21.24
CA GLY B 4 16.31 28.64 -21.84
C GLY B 4 14.91 28.68 -21.27
N CYS B 5 14.67 27.89 -20.22
CA CYS B 5 13.38 27.82 -19.59
C CYS B 5 13.10 29.10 -18.80
N GLU B 6 11.81 29.37 -18.58
CA GLU B 6 11.37 30.45 -17.72
C GLU B 6 10.63 29.96 -16.49
N THR B 7 10.35 28.66 -16.40
CA THR B 7 9.62 28.07 -15.29
C THR B 7 10.48 27.00 -14.62
N ALA B 8 10.43 26.96 -13.30
CA ALA B 8 11.15 25.94 -12.54
C ALA B 8 10.52 25.82 -11.16
N ILE B 9 10.50 24.60 -10.64
CA ILE B 9 10.04 24.35 -9.28
C ILE B 9 11.06 24.95 -8.34
N LEU B 10 10.63 25.37 -7.15
CA LEU B 10 11.50 26.01 -6.19
C LEU B 10 11.89 25.12 -5.01
N PHE B 11 11.00 24.24 -4.54
CA PHE B 11 11.28 23.38 -3.40
C PHE B 11 12.03 24.16 -2.33
N PRO B 12 11.49 25.28 -1.85
CA PRO B 12 12.26 26.14 -0.93
C PRO B 12 12.69 25.45 0.34
N MET B 13 11.88 24.52 0.86
CA MET B 13 12.18 23.88 2.14
C MET B 13 11.78 22.42 2.05
N ARG B 14 12.68 21.52 2.40
CA ARG B 14 12.36 20.11 2.48
C ARG B 14 11.87 19.81 3.90
N SER B 15 10.67 19.24 4.01
CA SER B 15 10.06 18.99 5.29
C SER B 15 9.24 17.71 5.18
N LYS B 16 8.41 17.46 6.19
CA LYS B 16 7.56 16.28 6.25
C LYS B 16 6.25 16.45 5.51
N LYS B 17 6.14 17.46 4.64
CA LYS B 17 4.92 17.67 3.88
C LYS B 17 5.15 17.99 2.40
N ILE B 18 6.38 18.29 1.98
CA ILE B 18 6.63 18.64 0.59
C ILE B 18 6.60 17.38 -0.26
N PHE B 19 5.85 17.42 -1.36
CA PHE B 19 5.75 16.30 -2.29
C PHE B 19 5.00 16.78 -3.52
N GLY B 20 4.74 15.86 -4.43
CA GLY B 20 3.95 16.14 -5.61
C GLY B 20 3.23 14.89 -6.08
N SER B 21 2.13 15.11 -6.79
CA SER B 21 1.33 14.03 -7.36
C SER B 21 1.18 14.24 -8.87
N VAL B 22 1.74 13.32 -9.65
CA VAL B 22 1.67 13.36 -11.10
C VAL B 22 0.74 12.24 -11.57
N HIS B 23 -0.12 12.55 -12.52
CA HIS B 23 -1.12 11.62 -13.04
C HIS B 23 -0.99 11.58 -14.57
N PRO B 24 -0.05 10.80 -15.09
CA PRO B 24 0.13 10.72 -16.54
C PRO B 24 -1.09 10.13 -17.23
N VAL B 25 -1.24 10.49 -18.50
CA VAL B 25 -2.46 10.20 -19.23
C VAL B 25 -2.38 8.86 -19.96
N ARG B 26 -1.19 8.49 -20.42
CA ARG B 26 -1.00 7.38 -21.34
C ARG B 26 -0.29 6.21 -20.67
N PRO B 27 -0.31 5.04 -21.30
CA PRO B 27 0.24 3.84 -20.65
C PRO B 27 1.75 3.92 -20.46
N MET B 28 2.24 3.13 -19.50
CA MET B 28 3.66 3.07 -19.17
C MET B 28 4.37 1.88 -19.82
N ARG B 29 3.78 1.26 -20.84
CA ARG B 29 4.43 0.13 -21.50
C ARG B 29 5.85 0.51 -21.92
N LEU B 30 6.83 -0.18 -21.35
CA LEU B 30 8.22 0.15 -21.58
C LEU B 30 9.09 -1.07 -21.33
N GLU B 31 9.63 -1.65 -22.39
CA GLU B 31 10.76 -2.57 -22.28
C GLU B 31 12.08 -1.87 -22.53
N SER B 32 12.03 -0.61 -22.95
CA SER B 32 13.21 0.23 -23.15
C SER B 32 12.73 1.67 -23.10
N PHE B 33 13.64 2.58 -22.75
CA PHE B 33 13.26 3.97 -22.56
C PHE B 33 14.51 4.81 -22.38
N SER B 34 14.30 6.12 -22.25
CA SER B 34 15.34 7.09 -21.96
C SER B 34 14.68 8.29 -21.29
N ALA B 35 15.43 8.96 -20.40
CA ALA B 35 14.85 10.04 -19.60
C ALA B 35 15.91 11.10 -19.34
N CYS B 36 15.91 12.15 -20.17
CA CYS B 36 16.73 13.32 -19.90
C CYS B 36 16.07 14.17 -18.82
N ILE B 37 16.89 14.90 -18.07
CA ILE B 37 16.38 15.75 -16.99
C ILE B 37 17.48 16.72 -16.58
N TRP B 38 17.07 17.94 -16.21
CA TRP B 38 17.95 18.95 -15.64
C TRP B 38 17.64 19.09 -14.15
N VAL B 39 18.67 19.07 -13.32
CA VAL B 39 18.50 19.09 -11.88
C VAL B 39 19.50 20.06 -11.26
N LYS B 40 19.06 20.72 -10.18
CA LYS B 40 19.91 21.61 -9.38
C LYS B 40 19.75 21.19 -7.92
N ALA B 41 20.61 20.28 -7.48
CA ALA B 41 20.52 19.72 -6.13
C ALA B 41 21.17 20.67 -5.13
N THR B 42 20.47 20.93 -4.03
CA THR B 42 21.00 21.81 -2.99
C THR B 42 21.81 21.02 -1.96
N ASP B 43 21.30 19.87 -1.53
CA ASP B 43 21.98 19.00 -0.58
C ASP B 43 21.85 17.56 -1.05
N VAL B 44 22.96 16.82 -0.94
CA VAL B 44 23.02 15.42 -1.37
C VAL B 44 23.43 14.59 -0.16
N LEU B 45 22.65 13.56 0.14
CA LEU B 45 22.91 12.64 1.24
C LEU B 45 23.22 11.26 0.67
N ASN B 46 23.53 10.32 1.57
CA ASN B 46 23.74 8.94 1.15
C ASN B 46 22.49 8.36 0.50
N LYS B 47 21.31 8.86 0.90
CA LYS B 47 20.05 8.41 0.32
C LYS B 47 19.10 9.60 0.29
N THR B 48 18.74 10.03 -0.92
CA THR B 48 17.78 11.11 -1.12
C THR B 48 17.05 10.81 -2.43
N ILE B 49 15.85 10.25 -2.31
CA ILE B 49 15.09 9.76 -3.47
C ILE B 49 14.50 10.96 -4.19
N LEU B 50 15.05 11.29 -5.36
CA LEU B 50 14.48 12.36 -6.17
C LEU B 50 13.10 11.97 -6.68
N PHE B 51 12.93 10.72 -7.09
CA PHE B 51 11.62 10.22 -7.49
C PHE B 51 11.66 8.70 -7.45
N SER B 52 10.48 8.10 -7.54
CA SER B 52 10.39 6.64 -7.63
C SER B 52 8.99 6.25 -8.05
N TYR B 53 8.92 5.44 -9.10
CA TYR B 53 7.68 4.81 -9.52
C TYR B 53 7.55 3.47 -8.81
N GLY B 54 6.46 3.29 -8.08
CA GLY B 54 6.30 2.11 -7.25
C GLY B 54 4.93 1.48 -7.43
N THR B 55 4.92 0.15 -7.50
CA THR B 55 3.70 -0.63 -7.51
C THR B 55 3.41 -1.13 -6.10
N LYS B 56 2.16 -1.54 -5.86
CA LYS B 56 1.78 -1.99 -4.54
C LYS B 56 2.69 -3.12 -4.06
N ARG B 57 3.13 -3.98 -4.98
CA ARG B 57 4.05 -5.06 -4.65
C ARG B 57 5.50 -4.74 -4.98
N ASN B 58 5.78 -3.56 -5.53
CA ASN B 58 7.16 -3.15 -5.83
C ASN B 58 7.24 -1.63 -5.76
N PRO B 59 7.31 -1.07 -4.56
CA PRO B 59 7.49 0.39 -4.44
C PRO B 59 8.77 0.88 -5.08
N TYR B 60 9.79 0.05 -5.20
CA TYR B 60 11.07 0.40 -5.80
C TYR B 60 11.12 -0.06 -7.26
N GLU B 61 9.95 -0.09 -7.92
CA GLU B 61 9.92 -0.53 -9.31
C GLU B 61 10.86 0.29 -10.18
N ILE B 62 10.91 1.60 -9.96
CA ILE B 62 11.88 2.48 -10.61
C ILE B 62 12.32 3.52 -9.60
N GLN B 63 13.60 3.87 -9.62
CA GLN B 63 14.14 4.82 -8.68
C GLN B 63 15.57 5.16 -9.06
N LEU B 64 15.97 6.40 -8.78
CA LEU B 64 17.37 6.80 -8.83
C LEU B 64 17.58 7.82 -7.73
N TYR B 65 18.75 7.76 -7.10
CA TYR B 65 19.04 8.63 -5.97
C TYR B 65 20.53 8.89 -5.89
N LEU B 66 20.88 10.01 -5.26
CA LEU B 66 22.26 10.44 -5.10
C LEU B 66 22.78 9.95 -3.76
N SER B 67 23.91 9.23 -3.79
CA SER B 67 24.56 8.73 -2.58
C SER B 67 25.86 9.51 -2.39
N TYR B 68 25.76 10.65 -1.71
CA TYR B 68 26.90 11.53 -1.49
C TYR B 68 27.41 11.95 -2.87
N GLN B 69 28.70 11.80 -3.16
CA GLN B 69 29.23 12.15 -4.48
C GLN B 69 29.12 10.95 -5.41
N SER B 70 27.88 10.57 -5.67
CA SER B 70 27.59 9.44 -6.56
C SER B 70 26.13 9.53 -7.01
N ILE B 71 25.82 8.81 -8.08
CA ILE B 71 24.46 8.73 -8.60
C ILE B 71 24.09 7.25 -8.67
N VAL B 72 22.97 6.89 -8.06
CA VAL B 72 22.49 5.51 -8.08
C VAL B 72 21.34 5.42 -9.09
N PHE B 73 21.16 4.23 -9.67
CA PHE B 73 20.18 3.99 -10.72
C PHE B 73 19.48 2.67 -10.42
N VAL B 74 18.35 2.76 -9.71
CA VAL B 74 17.63 1.57 -9.26
C VAL B 74 16.58 1.18 -10.30
N VAL B 75 16.61 -0.08 -10.72
CA VAL B 75 15.69 -0.60 -11.73
C VAL B 75 14.98 -1.83 -11.16
N GLY B 76 13.65 -1.87 -11.32
CA GLY B 76 12.89 -3.04 -10.93
C GLY B 76 12.75 -3.21 -9.44
N GLY B 77 13.88 -3.28 -8.73
CA GLY B 77 13.88 -3.42 -7.29
C GLY B 77 15.16 -2.87 -6.71
N GLU B 78 15.26 -2.91 -5.38
CA GLU B 78 16.44 -2.40 -4.70
C GLU B 78 17.69 -3.18 -5.13
N GLU B 79 17.56 -4.50 -5.29
CA GLU B 79 18.72 -5.32 -5.58
C GLU B 79 19.34 -4.94 -6.93
N ASN B 80 18.51 -4.71 -7.94
CA ASN B 80 19.01 -4.40 -9.28
C ASN B 80 19.21 -2.89 -9.39
N LYS B 81 20.46 -2.47 -9.55
CA LYS B 81 20.76 -1.04 -9.64
C LYS B 81 22.08 -0.84 -10.40
N LEU B 82 22.28 0.39 -10.85
CA LEU B 82 23.53 0.82 -11.49
C LEU B 82 23.94 2.13 -10.85
N VAL B 83 25.25 2.34 -10.72
CA VAL B 83 25.80 3.49 -10.00
C VAL B 83 26.98 4.06 -10.76
N ALA B 84 27.04 5.39 -10.84
CA ALA B 84 28.23 6.13 -11.23
C ALA B 84 28.69 6.96 -10.04
N GLU B 85 29.90 7.51 -10.13
CA GLU B 85 30.59 8.06 -8.97
C GLU B 85 31.06 9.48 -9.21
N ALA B 86 30.83 10.35 -8.22
CA ALA B 86 31.45 11.67 -8.15
C ALA B 86 31.17 12.50 -9.39
N MET B 87 29.89 12.78 -9.62
CA MET B 87 29.47 13.63 -10.73
C MET B 87 28.44 14.68 -10.34
N VAL B 88 27.70 14.47 -9.26
CA VAL B 88 26.63 15.37 -8.85
C VAL B 88 27.02 16.03 -7.52
N SER B 89 26.86 17.34 -7.44
CA SER B 89 27.14 18.09 -6.22
C SER B 89 26.11 19.19 -6.04
N LEU B 90 26.33 20.02 -5.01
CA LEU B 90 25.32 20.99 -4.61
C LEU B 90 25.29 22.19 -5.55
N GLY B 91 24.08 22.57 -5.96
CA GLY B 91 23.85 23.86 -6.58
C GLY B 91 24.39 24.07 -7.97
N ARG B 92 23.89 23.33 -8.95
CA ARG B 92 24.18 23.63 -10.34
C ARG B 92 23.25 22.83 -11.24
N TRP B 93 22.64 23.50 -12.20
CA TRP B 93 21.84 22.84 -13.22
C TRP B 93 22.71 21.84 -13.99
N THR B 94 22.34 20.56 -13.93
CA THR B 94 23.08 19.51 -14.60
C THR B 94 22.11 18.58 -15.31
N HIS B 95 22.43 18.23 -16.56
CA HIS B 95 21.58 17.38 -17.39
C HIS B 95 21.91 15.91 -17.10
N LEU B 96 20.89 15.13 -16.78
CA LEU B 96 21.03 13.70 -16.55
C LEU B 96 20.12 12.95 -17.51
N CYS B 97 20.68 11.94 -18.18
CA CYS B 97 19.93 11.09 -19.10
C CYS B 97 20.38 9.64 -18.95
N GLY B 98 19.70 8.74 -19.64
CA GLY B 98 20.02 7.33 -19.57
C GLY B 98 19.18 6.54 -20.55
N THR B 99 19.45 5.23 -20.58
CA THR B 99 18.80 4.33 -21.53
C THR B 99 18.72 2.94 -20.91
N TRP B 100 17.76 2.14 -21.40
CA TRP B 100 17.64 0.75 -21.00
C TRP B 100 17.06 -0.07 -22.14
N ASN B 101 17.38 -1.36 -22.14
CA ASN B 101 16.79 -2.31 -23.07
C ASN B 101 16.59 -3.63 -22.35
N SER B 102 15.60 -4.40 -22.79
CA SER B 102 15.27 -5.69 -22.20
C SER B 102 15.79 -6.86 -23.02
N GLU B 103 16.15 -6.64 -24.29
CA GLU B 103 16.63 -7.74 -25.11
C GLU B 103 17.80 -8.46 -24.45
N GLU B 104 18.92 -7.75 -24.28
CA GLU B 104 20.06 -8.29 -23.54
C GLU B 104 20.35 -7.47 -22.29
N GLY B 105 19.32 -6.85 -21.73
CA GLY B 105 19.51 -6.06 -20.51
C GLY B 105 20.50 -4.94 -20.66
N LEU B 106 20.44 -4.19 -21.76
CA LEU B 106 21.32 -3.05 -21.94
C LEU B 106 20.76 -1.85 -21.19
N THR B 107 21.65 -1.08 -20.55
CA THR B 107 21.27 0.17 -19.92
C THR B 107 22.47 1.10 -19.90
N SER B 108 22.21 2.40 -19.80
CA SER B 108 23.27 3.40 -19.85
C SER B 108 22.81 4.68 -19.19
N LEU B 109 23.79 5.55 -18.90
CA LEU B 109 23.52 6.88 -18.38
C LEU B 109 24.23 7.91 -19.24
N TRP B 110 23.68 9.12 -19.28
CA TRP B 110 24.26 10.21 -20.08
C TRP B 110 24.07 11.52 -19.32
N VAL B 111 25.18 12.11 -18.89
CA VAL B 111 25.18 13.40 -18.20
C VAL B 111 25.67 14.47 -19.16
N ASN B 112 24.94 15.59 -19.22
CA ASN B 112 25.30 16.72 -20.07
C ASN B 112 25.45 16.28 -21.52
N GLY B 113 24.65 15.30 -21.92
CA GLY B 113 24.85 14.70 -23.21
C GLY B 113 26.12 13.89 -23.31
N GLU B 114 26.62 13.37 -22.19
CA GLU B 114 27.86 12.62 -22.15
C GLU B 114 27.68 11.40 -21.26
N LEU B 115 28.26 10.27 -21.69
CA LEU B 115 28.07 9.00 -20.99
C LEU B 115 28.52 9.09 -19.53
N ALA B 116 27.79 8.38 -18.67
CA ALA B 116 28.13 8.28 -17.26
C ALA B 116 28.22 6.85 -16.75
N ALA B 117 27.48 5.92 -17.34
CA ALA B 117 27.51 4.52 -16.94
C ALA B 117 26.86 3.69 -18.03
N THR B 118 27.12 2.39 -17.99
CA THR B 118 26.56 1.46 -18.98
C THR B 118 26.87 0.04 -18.55
N THR B 119 25.96 -0.87 -18.90
CA THR B 119 26.12 -2.29 -18.60
C THR B 119 25.12 -3.07 -19.45
N VAL B 120 25.21 -4.39 -19.39
CA VAL B 120 24.41 -5.28 -20.22
C VAL B 120 23.85 -6.40 -19.34
N GLU B 121 22.79 -7.03 -19.85
CA GLU B 121 22.18 -8.20 -19.21
C GLU B 121 21.62 -7.88 -17.83
N MET B 122 21.10 -6.68 -17.65
CA MET B 122 20.37 -6.30 -16.44
C MET B 122 18.91 -6.07 -16.80
N ALA B 123 18.01 -6.62 -16.01
CA ALA B 123 16.58 -6.53 -16.28
C ALA B 123 16.24 -7.09 -17.67
N THR B 124 17.04 -8.07 -18.11
CA THR B 124 16.85 -8.64 -19.43
C THR B 124 15.45 -9.25 -19.55
N GLY B 125 14.71 -8.79 -20.56
CA GLY B 125 13.37 -9.29 -20.80
C GLY B 125 12.35 -8.73 -19.83
N HIS B 126 12.76 -7.76 -19.02
CA HIS B 126 11.87 -7.18 -18.04
C HIS B 126 10.88 -6.21 -18.69
N ILE B 127 9.68 -6.16 -18.14
CA ILE B 127 8.64 -5.23 -18.60
C ILE B 127 8.01 -4.63 -17.34
N VAL B 128 7.92 -3.30 -17.30
CA VAL B 128 7.40 -2.60 -16.12
C VAL B 128 5.89 -2.80 -16.07
N PRO B 129 5.34 -3.29 -14.96
CA PRO B 129 3.89 -3.40 -14.83
C PRO B 129 3.28 -2.05 -14.43
N GLU B 130 2.02 -1.87 -14.81
CA GLU B 130 1.26 -0.69 -14.44
C GLU B 130 0.63 -0.89 -13.07
N GLY B 131 -0.21 0.07 -12.67
CA GLY B 131 -0.84 0.05 -11.38
C GLY B 131 -0.08 0.80 -10.30
N GLY B 132 1.18 1.12 -10.53
CA GLY B 132 1.95 1.93 -9.62
C GLY B 132 1.71 3.41 -9.86
N ILE B 133 2.42 4.23 -9.09
CA ILE B 133 2.36 5.67 -9.20
C ILE B 133 3.77 6.23 -9.11
N LEU B 134 4.05 7.26 -9.90
CA LEU B 134 5.33 7.94 -9.90
C LEU B 134 5.27 9.13 -8.96
N GLN B 135 6.17 9.17 -7.98
CA GLN B 135 6.24 10.24 -7.00
C GLN B 135 7.58 10.93 -7.12
N ILE B 136 7.57 12.25 -6.91
CA ILE B 136 8.74 13.09 -7.12
C ILE B 136 9.08 13.77 -5.80
N GLY B 137 10.36 13.76 -5.44
CA GLY B 137 10.85 14.51 -4.30
C GLY B 137 10.62 13.86 -2.94
N GLN B 138 10.08 12.65 -2.89
CA GLN B 138 9.77 12.01 -1.63
C GLN B 138 9.66 10.50 -1.82
N GLU B 139 9.83 9.76 -0.72
CA GLU B 139 9.61 8.34 -0.68
C GLU B 139 8.36 8.04 0.15
N LYS B 140 7.98 6.76 0.18
CA LYS B 140 6.77 6.35 0.90
C LYS B 140 6.89 6.66 2.38
N ASN B 141 6.12 7.65 2.85
CA ASN B 141 6.13 8.05 4.25
C ASN B 141 4.83 8.80 4.53
N GLY B 142 4.64 9.18 5.79
CA GLY B 142 3.41 9.85 6.18
C GLY B 142 3.27 11.19 5.49
N CYS B 143 2.03 11.56 5.17
CA CYS B 143 1.71 12.78 4.45
C CYS B 143 0.86 13.75 5.25
N CYS B 144 -0.22 13.27 5.87
CA CYS B 144 -1.16 14.12 6.60
C CYS B 144 -1.24 13.74 8.07
N VAL B 145 -0.09 13.53 8.71
CA VAL B 145 -0.03 13.16 10.12
C VAL B 145 0.65 14.28 10.90
N GLY B 146 0.42 15.52 10.49
CA GLY B 146 1.20 16.62 11.02
C GLY B 146 2.64 16.53 10.59
N GLY B 147 2.88 16.23 9.32
CA GLY B 147 4.20 15.96 8.82
C GLY B 147 4.28 14.57 8.21
N GLY B 148 5.04 13.69 8.84
CA GLY B 148 5.11 12.30 8.37
C GLY B 148 6.22 11.99 7.39
N PHE B 149 6.27 12.73 6.28
CA PHE B 149 7.27 12.44 5.25
C PHE B 149 8.68 12.59 5.81
N ASP B 150 9.58 11.71 5.34
CA ASP B 150 10.96 11.73 5.79
C ASP B 150 11.67 12.96 5.25
N GLU B 151 11.90 13.95 6.12
CA GLU B 151 12.63 15.14 5.70
C GLU B 151 14.05 14.78 5.25
N THR B 152 14.59 13.68 5.75
CA THR B 152 15.90 13.23 5.30
C THR B 152 15.90 12.93 3.81
N LEU B 153 14.91 12.18 3.33
CA LEU B 153 14.80 11.87 1.92
C LEU B 153 14.12 12.98 1.11
N ALA B 154 13.55 13.98 1.78
CA ALA B 154 12.96 15.11 1.07
C ALA B 154 14.06 15.92 0.39
N PHE B 155 13.64 16.81 -0.51
CA PHE B 155 14.56 17.55 -1.35
C PHE B 155 14.24 19.04 -1.31
N SER B 156 15.29 19.85 -1.45
CA SER B 156 15.17 21.30 -1.61
C SER B 156 16.05 21.72 -2.77
N GLY B 157 15.48 22.48 -3.69
CA GLY B 157 16.25 22.93 -4.85
C GLY B 157 15.39 23.35 -6.02
N ARG B 158 16.03 23.61 -7.17
CA ARG B 158 15.33 24.10 -8.36
C ARG B 158 15.24 22.98 -9.39
N LEU B 159 14.05 22.81 -9.94
CA LEU B 159 13.81 21.83 -11.00
C LEU B 159 12.89 22.44 -12.05
N THR B 160 12.99 21.91 -13.28
CA THR B 160 12.15 22.35 -14.38
C THR B 160 12.17 21.27 -15.46
N GLY B 161 11.15 21.28 -16.31
CA GLY B 161 11.09 20.39 -17.46
C GLY B 161 10.92 18.93 -17.13
N PHE B 162 9.81 18.56 -16.52
CA PHE B 162 9.51 17.16 -16.20
C PHE B 162 9.00 16.49 -17.45
N ASN B 163 9.81 15.59 -18.02
CA ASN B 163 9.47 14.90 -19.26
C ASN B 163 9.92 13.45 -19.18
N ILE B 164 9.24 12.59 -19.93
CA ILE B 164 9.58 11.18 -20.03
C ILE B 164 9.33 10.73 -21.46
N TRP B 165 10.19 9.81 -21.93
CA TRP B 165 10.13 9.30 -23.29
C TRP B 165 9.68 7.85 -23.28
N ASP B 166 8.97 7.46 -24.35
CA ASP B 166 8.44 6.10 -24.46
C ASP B 166 9.47 5.10 -24.98
N SER B 167 10.60 5.56 -25.52
CA SER B 167 11.57 4.65 -26.12
C SER B 167 12.97 5.22 -25.89
N VAL B 168 13.97 4.52 -26.40
CA VAL B 168 15.37 4.91 -26.24
C VAL B 168 15.62 6.20 -27.03
N LEU B 169 16.51 7.03 -26.50
CA LEU B 169 16.95 8.24 -27.19
C LEU B 169 18.34 8.00 -27.78
N SER B 170 18.49 8.34 -29.06
CA SER B 170 19.78 8.22 -29.71
C SER B 170 20.79 9.13 -29.02
N ASN B 171 22.07 8.79 -29.16
CA ASN B 171 23.12 9.61 -28.56
C ASN B 171 23.06 11.04 -29.07
N GLU B 172 22.70 11.22 -30.35
CA GLU B 172 22.59 12.56 -30.91
C GLU B 172 21.51 13.36 -30.19
N GLU B 173 20.33 12.78 -30.01
CA GLU B 173 19.25 13.49 -29.35
C GLU B 173 19.55 13.70 -27.87
N ILE B 174 20.27 12.76 -27.26
CA ILE B 174 20.68 12.94 -25.87
C ILE B 174 21.62 14.12 -25.74
N ARG B 175 22.57 14.24 -26.68
CA ARG B 175 23.44 15.40 -26.71
C ARG B 175 22.64 16.69 -26.91
N GLU B 176 21.67 16.66 -27.82
CA GLU B 176 20.85 17.84 -28.04
C GLU B 176 20.09 18.24 -26.77
N THR B 177 19.53 17.27 -26.06
CA THR B 177 18.87 17.56 -24.79
C THR B 177 19.87 17.97 -23.73
N GLY B 178 21.15 17.67 -23.93
CA GLY B 178 22.21 18.21 -23.11
C GLY B 178 22.66 19.58 -23.52
N GLY B 179 22.17 20.09 -24.64
CA GLY B 179 22.57 21.41 -25.11
C GLY B 179 21.76 22.52 -24.47
N ALA B 180 22.10 23.74 -24.87
CA ALA B 180 21.46 24.94 -24.32
C ALA B 180 20.05 25.14 -24.83
N GLU B 181 19.62 24.38 -25.84
CA GLU B 181 18.27 24.47 -26.39
C GLU B 181 17.50 23.19 -26.11
N SER B 182 17.70 22.65 -24.91
CA SER B 182 17.03 21.43 -24.48
C SER B 182 15.69 21.70 -23.81
N CYS B 183 15.36 22.96 -23.53
CA CYS B 183 14.11 23.26 -22.85
C CYS B 183 12.90 22.87 -23.69
N HIS B 184 12.99 23.05 -25.00
CA HIS B 184 11.90 22.69 -25.90
C HIS B 184 11.86 21.20 -26.22
N ILE B 185 12.93 20.46 -25.91
CA ILE B 185 12.98 19.03 -26.18
C ILE B 185 12.25 18.31 -25.04
N ARG B 186 11.18 17.61 -25.38
CA ARG B 186 10.37 16.91 -24.38
C ARG B 186 9.93 15.56 -24.94
N GLY B 187 9.73 14.61 -24.03
CA GLY B 187 9.27 13.29 -24.40
C GLY B 187 7.76 13.20 -24.49
N ASN B 188 7.29 12.00 -24.84
CA ASN B 188 5.88 11.77 -25.07
C ASN B 188 5.17 11.16 -23.86
N ILE B 189 5.83 10.24 -23.16
CA ILE B 189 5.23 9.69 -21.93
C ILE B 189 4.88 10.81 -20.98
N VAL B 190 5.81 11.74 -20.76
CA VAL B 190 5.58 12.91 -19.93
C VAL B 190 6.17 14.12 -20.64
N GLY B 191 5.42 15.20 -20.69
CA GLY B 191 5.93 16.46 -21.19
C GLY B 191 5.62 17.57 -20.22
N TRP B 192 6.59 18.46 -20.03
CA TRP B 192 6.39 19.57 -19.11
C TRP B 192 5.25 20.45 -19.60
N GLY B 193 4.29 20.72 -18.72
CA GLY B 193 3.08 21.39 -19.10
C GLY B 193 2.10 20.54 -19.87
N VAL B 194 2.53 19.39 -20.39
CA VAL B 194 1.66 18.44 -21.07
C VAL B 194 1.09 17.42 -20.09
N THR B 195 1.90 17.01 -19.12
CA THR B 195 1.46 16.05 -18.12
C THR B 195 1.02 16.77 -16.85
N GLU B 196 0.05 16.16 -16.17
CA GLU B 196 -0.51 16.74 -14.95
C GLU B 196 0.53 16.68 -13.84
N ILE B 197 0.89 17.85 -13.30
CA ILE B 197 1.89 17.96 -12.25
C ILE B 197 1.29 18.80 -11.13
N GLN B 198 1.27 18.26 -9.92
CA GLN B 198 0.56 18.87 -8.79
C GLN B 198 1.50 18.98 -7.60
N PRO B 199 2.29 20.05 -7.52
CA PRO B 199 3.19 20.22 -6.37
C PRO B 199 2.42 20.40 -5.07
N HIS B 200 3.06 20.00 -3.97
CA HIS B 200 2.46 20.07 -2.65
C HIS B 200 3.52 20.39 -1.61
N GLY B 201 3.06 20.97 -0.50
CA GLY B 201 3.89 21.10 0.70
C GLY B 201 5.18 21.87 0.54
N GLY B 202 5.26 22.76 -0.44
CA GLY B 202 6.42 23.62 -0.57
C GLY B 202 6.94 23.77 -1.98
N ALA B 203 6.83 22.73 -2.79
CA ALA B 203 7.27 22.81 -4.18
C ALA B 203 6.53 23.94 -4.88
N GLN B 204 7.25 25.00 -5.25
CA GLN B 204 6.68 26.17 -5.88
C GLN B 204 7.36 26.44 -7.21
N TYR B 205 6.57 26.75 -8.22
CA TYR B 205 7.13 27.16 -9.51
C TYR B 205 7.75 28.54 -9.40
N VAL B 206 8.72 28.83 -10.26
CA VAL B 206 9.36 30.14 -10.28
C VAL B 206 9.12 30.79 -11.64
N SER B 207 7.98 30.48 -12.25
CA SER B 207 7.62 31.04 -13.55
C SER B 207 7.74 32.55 -13.55
#